data_3GLJ
#
_entry.id   3GLJ
#
_cell.length_a   49.590
_cell.length_b   49.970
_cell.length_c   50.630
_cell.angle_alpha   109.940
_cell.angle_beta   104.500
_cell.angle_gamma   96.190
#
_symmetry.space_group_name_H-M   'P 1'
#
loop_
_entity.id
_entity.type
_entity.pdbx_description
1 polymer 'Carboxypeptidase B'
2 non-polymer 'ZINC ION'
3 non-polymer GLYCEROL
4 water water
#
_entity_poly.entity_id   1
_entity_poly.type   'polypeptide(L)'
_entity_poly.pdbx_seq_one_letter_code
;HHSGEHFEGEKVFRVNVEDENDISLLHELASTRQIDFWKPDSVTQIKPHSTVDFRVKAEDILAVEDFLEQNELQYEVLIN
NLRSVLEAQFDSRVRTTGHSYEKYNNWETIEAWTKQVTSENPDLISRTAIGTTFLGNNIYLLKVGKPGPNKPAIFMDCGF
HAREWISHAFCQWFVREAVLTYGYESHMTEFLNKLDFYVLPVLNIDGYIYTWTKNRMWRKTRSTNAGTTCIGTDPNRNFD
AGWCTTGASTDPCDETYCGSAAESEKETKALADFIRNNLSSIKAYLTIHSYSQMILYPYSYDYKLPENNAELNNLAKAAV
KELATLYGTKYTYGPGATTIYPAAGGSDDWAYDQGIKYSFTFELRDKGRYGFILPESQIQATCEETMLAIKYVTNYVLGH
L
;
_entity_poly.pdbx_strand_id   A
#
# COMPACT_ATOMS: atom_id res chain seq x y z
N PHE A 7 -15.80 1.94 -17.74
CA PHE A 7 -16.29 2.35 -16.39
C PHE A 7 -17.38 3.43 -16.47
N GLU A 8 -17.90 3.67 -17.67
CA GLU A 8 -18.97 4.65 -17.83
C GLU A 8 -20.17 4.31 -16.94
N GLY A 9 -20.58 5.26 -16.11
CA GLY A 9 -21.76 5.09 -15.25
C GLY A 9 -21.55 4.20 -14.04
N GLU A 10 -20.31 3.81 -13.78
CA GLU A 10 -20.04 3.07 -12.56
C GLU A 10 -19.97 4.07 -11.41
N LYS A 11 -20.31 3.62 -10.21
CA LYS A 11 -20.29 4.48 -9.04
C LYS A 11 -19.53 3.81 -7.90
N VAL A 12 -19.04 4.62 -6.97
CA VAL A 12 -18.46 4.08 -5.74
C VAL A 12 -19.33 4.56 -4.59
N PHE A 13 -19.81 3.60 -3.79
CA PHE A 13 -20.69 3.91 -2.67
C PHE A 13 -19.93 3.81 -1.37
N ARG A 14 -20.38 4.57 -0.36
CA ARG A 14 -19.95 4.35 1.01
C ARG A 14 -21.18 4.04 1.86
N VAL A 15 -21.09 2.95 2.63
CA VAL A 15 -22.19 2.52 3.49
C VAL A 15 -21.77 2.57 4.97
N ASN A 16 -22.66 3.05 5.80
CA ASN A 16 -22.47 2.98 7.24
C ASN A 16 -22.89 1.64 7.81
N VAL A 17 -21.96 0.93 8.44
CA VAL A 17 -22.34 -0.31 9.10
C VAL A 17 -22.33 -0.10 10.61
N GLU A 18 -23.45 -0.41 11.23
CA GLU A 18 -23.60 -0.17 12.66
C GLU A 18 -23.33 -1.45 13.43
N ASP A 19 -24.04 -2.50 13.06
CA ASP A 19 -24.05 -3.74 13.83
C ASP A 19 -23.90 -4.94 12.89
N GLU A 20 -23.96 -6.14 13.47
CA GLU A 20 -23.69 -7.34 12.70
C GLU A 20 -24.75 -7.58 11.62
N ASN A 21 -25.97 -7.13 11.89
CA ASN A 21 -27.04 -7.22 10.89
C ASN A 21 -26.65 -6.52 9.56
N ASP A 22 -26.13 -5.30 9.67
CA ASP A 22 -25.62 -4.58 8.48
C ASP A 22 -24.49 -5.33 7.77
N ILE A 23 -23.61 -5.97 8.54
CA ILE A 23 -22.56 -6.76 7.94
C ILE A 23 -23.09 -7.92 7.10
N SER A 24 -23.98 -8.73 7.66
CA SER A 24 -24.47 -9.85 6.86
C SER A 24 -25.30 -9.36 5.67
N LEU A 25 -25.98 -8.21 5.80
CA LEU A 25 -26.71 -7.63 4.66
C LEU A 25 -25.76 -7.32 3.49
N LEU A 26 -24.60 -6.74 3.81
CA LEU A 26 -23.62 -6.46 2.77
C LEU A 26 -23.06 -7.75 2.16
N HIS A 27 -22.90 -8.76 3.00
CA HIS A 27 -22.45 -10.06 2.51
C HIS A 27 -23.47 -10.62 1.51
N GLU A 28 -24.76 -10.49 1.84
CA GLU A 28 -25.81 -10.96 0.94
C GLU A 28 -25.84 -10.14 -0.35
N LEU A 29 -25.67 -8.82 -0.23
CA LEU A 29 -25.56 -7.98 -1.43
C LEU A 29 -24.42 -8.45 -2.32
N ALA A 30 -23.25 -8.65 -1.72
CA ALA A 30 -22.07 -9.10 -2.48
C ALA A 30 -22.23 -10.49 -3.08
N SER A 31 -23.15 -11.29 -2.55
CA SER A 31 -23.41 -12.60 -3.13
C SER A 31 -24.35 -12.50 -4.32
N THR A 32 -25.04 -11.36 -4.44
CA THR A 32 -26.10 -11.17 -5.43
C THR A 32 -25.62 -10.36 -6.63
N ARG A 33 -24.66 -9.48 -6.41
CA ARG A 33 -24.07 -8.68 -7.48
C ARG A 33 -22.56 -8.66 -7.30
N GLN A 34 -21.82 -8.54 -8.39
CA GLN A 34 -20.36 -8.49 -8.31
C GLN A 34 -19.91 -7.13 -7.78
N ILE A 35 -19.39 -7.11 -6.56
CA ILE A 35 -19.01 -5.88 -5.87
C ILE A 35 -17.49 -5.81 -5.72
N ASP A 36 -16.89 -4.67 -6.08
CA ASP A 36 -15.44 -4.47 -5.90
C ASP A 36 -15.22 -3.66 -4.64
N PHE A 37 -14.86 -4.33 -3.54
CA PHE A 37 -14.63 -3.62 -2.29
C PHE A 37 -13.36 -2.77 -2.32
N TRP A 38 -13.51 -1.49 -2.00
CA TRP A 38 -12.40 -0.55 -1.96
C TRP A 38 -11.83 -0.41 -0.55
N LYS A 39 -12.71 -0.31 0.44
CA LYS A 39 -12.32 -0.17 1.84
C LYS A 39 -13.37 -0.85 2.71
N PRO A 40 -13.00 -1.92 3.43
CA PRO A 40 -11.74 -2.65 3.39
C PRO A 40 -11.69 -3.50 2.12
N ASP A 41 -10.85 -4.53 2.10
CA ASP A 41 -10.60 -5.30 0.88
C ASP A 41 -11.66 -6.35 0.54
N SER A 42 -12.52 -6.67 1.50
CA SER A 42 -13.55 -7.69 1.28
C SER A 42 -14.64 -7.61 2.35
N VAL A 43 -15.81 -8.15 2.05
CA VAL A 43 -16.92 -8.14 3.00
C VAL A 43 -16.49 -8.80 4.31
N THR A 44 -15.54 -9.73 4.19
CA THR A 44 -15.11 -10.50 5.35
C THR A 44 -14.20 -9.71 6.31
N GLN A 45 -13.67 -8.59 5.83
CA GLN A 45 -12.81 -7.73 6.65
C GLN A 45 -13.61 -6.60 7.30
N ILE A 46 -14.92 -6.57 7.09
CA ILE A 46 -15.76 -5.50 7.63
C ILE A 46 -16.02 -5.66 9.13
N LYS A 47 -15.79 -4.60 9.91
CA LYS A 47 -16.11 -4.61 11.34
C LYS A 47 -17.30 -3.72 11.67
N PRO A 48 -17.93 -3.97 12.82
CA PRO A 48 -19.03 -3.14 13.32
C PRO A 48 -18.58 -1.70 13.53
N HIS A 49 -19.50 -0.75 13.40
CA HIS A 49 -19.21 0.69 13.56
C HIS A 49 -18.06 1.17 12.68
N SER A 50 -18.26 1.08 11.38
CA SER A 50 -17.26 1.52 10.43
C SER A 50 -18.01 1.90 9.16
N THR A 51 -17.27 2.45 8.19
CA THR A 51 -17.84 2.69 6.87
C THR A 51 -17.14 1.79 5.85
N VAL A 52 -17.85 1.46 4.78
CA VAL A 52 -17.34 0.56 3.76
C VAL A 52 -17.55 1.17 2.38
N ASP A 53 -16.49 1.19 1.56
CA ASP A 53 -16.55 1.75 0.21
C ASP A 53 -16.49 0.60 -0.82
N PHE A 54 -17.27 0.71 -1.88
CA PHE A 54 -17.26 -0.31 -2.92
C PHE A 54 -17.73 0.21 -4.27
N ARG A 55 -17.18 -0.36 -5.33
CA ARG A 55 -17.52 -0.01 -6.70
C ARG A 55 -18.57 -0.96 -7.28
N VAL A 56 -19.49 -0.39 -8.04
CA VAL A 56 -20.64 -1.12 -8.59
C VAL A 56 -20.72 -0.90 -10.10
N LYS A 57 -20.98 -1.96 -10.84
CA LYS A 57 -21.11 -1.89 -12.31
C LYS A 57 -22.33 -1.06 -12.73
N ALA A 58 -22.25 -0.46 -13.92
CA ALA A 58 -23.34 0.37 -14.41
C ALA A 58 -24.68 -0.37 -14.40
N GLU A 59 -24.67 -1.62 -14.83
CA GLU A 59 -25.91 -2.42 -14.92
C GLU A 59 -26.48 -2.80 -13.55
N ASP A 60 -25.72 -2.56 -12.49
CA ASP A 60 -26.11 -2.98 -11.14
C ASP A 60 -26.51 -1.82 -10.22
N ILE A 61 -26.38 -0.59 -10.72
CA ILE A 61 -26.60 0.60 -9.89
C ILE A 61 -27.99 0.64 -9.25
N LEU A 62 -29.02 0.46 -10.06
CA LEU A 62 -30.39 0.53 -9.52
C LEU A 62 -30.67 -0.62 -8.53
N ALA A 63 -30.23 -1.83 -8.86
CA ALA A 63 -30.48 -2.98 -7.97
C ALA A 63 -29.78 -2.78 -6.62
N VAL A 64 -28.55 -2.31 -6.67
CA VAL A 64 -27.78 -2.03 -5.45
C VAL A 64 -28.46 -0.92 -4.63
N GLU A 65 -28.81 0.18 -5.28
CA GLU A 65 -29.49 1.26 -4.57
C GLU A 65 -30.81 0.78 -3.96
N ASP A 66 -31.58 0.02 -4.72
CA ASP A 66 -32.83 -0.56 -4.20
C ASP A 66 -32.57 -1.42 -2.96
N PHE A 67 -31.53 -2.23 -3.01
CA PHE A 67 -31.16 -3.09 -1.90
C PHE A 67 -30.82 -2.26 -0.65
N LEU A 68 -29.95 -1.27 -0.82
CA LEU A 68 -29.54 -0.42 0.29
C LEU A 68 -30.73 0.34 0.90
N GLU A 69 -31.61 0.86 0.05
CA GLU A 69 -32.77 1.61 0.52
C GLU A 69 -33.76 0.72 1.27
N GLN A 70 -34.13 -0.41 0.68
CA GLN A 70 -35.19 -1.24 1.26
C GLN A 70 -34.73 -1.92 2.55
N ASN A 71 -33.43 -2.15 2.67
CA ASN A 71 -32.87 -2.71 3.89
C ASN A 71 -32.38 -1.67 4.90
N GLU A 72 -32.67 -0.40 4.61
CA GLU A 72 -32.34 0.71 5.48
C GLU A 72 -30.87 0.83 5.85
N LEU A 73 -30.00 0.56 4.90
CA LEU A 73 -28.58 0.82 5.07
C LEU A 73 -28.30 2.26 4.63
N GLN A 74 -27.82 3.07 5.56
CA GLN A 74 -27.50 4.47 5.26
C GLN A 74 -26.26 4.56 4.39
N TYR A 75 -26.36 5.28 3.27
CA TYR A 75 -25.25 5.36 2.34
C TYR A 75 -25.12 6.74 1.68
N GLU A 76 -24.03 6.90 0.95
CA GLU A 76 -23.82 8.08 0.13
C GLU A 76 -23.06 7.63 -1.12
N VAL A 77 -23.15 8.41 -2.17
CA VAL A 77 -22.38 8.16 -3.37
C VAL A 77 -21.08 8.95 -3.28
N LEU A 78 -19.94 8.25 -3.20
CA LEU A 78 -18.65 8.92 -3.18
C LEU A 78 -18.25 9.41 -4.56
N ILE A 79 -18.44 8.55 -5.56
CA ILE A 79 -18.10 8.88 -6.94
C ILE A 79 -19.28 8.59 -7.84
N ASN A 80 -19.82 9.63 -8.48
CA ASN A 80 -21.03 9.48 -9.28
C ASN A 80 -20.81 8.92 -10.69
N ASN A 81 -19.64 9.18 -11.28
CA ASN A 81 -19.28 8.58 -12.55
C ASN A 81 -17.79 8.32 -12.55
N LEU A 82 -17.42 7.05 -12.39
CA LEU A 82 -16.02 6.67 -12.29
C LEU A 82 -15.26 7.05 -13.57
N ARG A 83 -15.95 6.99 -14.71
CA ARG A 83 -15.33 7.39 -15.97
C ARG A 83 -14.79 8.82 -15.90
N SER A 84 -15.54 9.72 -15.28
CA SER A 84 -15.11 11.11 -15.18
C SER A 84 -13.85 11.24 -14.31
N VAL A 85 -13.82 10.49 -13.20
CA VAL A 85 -12.66 10.51 -12.32
C VAL A 85 -11.42 9.90 -12.99
N LEU A 86 -11.60 8.79 -13.70
CA LEU A 86 -10.50 8.17 -14.43
C LEU A 86 -9.93 9.11 -15.50
N GLU A 87 -10.82 9.81 -16.20
CA GLU A 87 -10.38 10.72 -17.26
C GLU A 87 -9.71 11.95 -16.67
N ALA A 88 -10.00 12.27 -15.42
CA ALA A 88 -9.41 13.45 -14.81
C ALA A 88 -8.11 13.15 -14.06
N GLN A 89 -7.70 11.88 -13.96
CA GLN A 89 -6.52 11.54 -13.14
C GLN A 89 -5.22 12.12 -13.71
N PHE A 90 -5.14 12.21 -15.04
CA PHE A 90 -3.91 12.66 -15.67
C PHE A 90 -3.91 14.17 -15.87
N ASP A 91 -3.93 14.92 -14.77
CA ASP A 91 -4.07 16.37 -14.88
C ASP A 91 -2.80 17.12 -14.51
N SER A 92 -1.66 16.45 -14.57
CA SER A 92 -0.40 17.12 -14.23
C SER A 92 -0.13 18.28 -15.16
N ARG A 93 0.40 19.37 -14.62
CA ARG A 93 0.77 20.54 -15.43
C ARG A 93 2.14 20.37 -16.08
N VAL A 94 2.84 19.31 -15.68
CA VAL A 94 4.15 18.98 -16.24
C VAL A 94 3.99 18.22 -17.56
N ARG A 95 4.29 18.87 -18.68
CA ARG A 95 4.18 18.22 -19.98
C ARG A 95 5.46 17.50 -20.40
N THR A 96 5.40 16.17 -20.48
CA THR A 96 6.54 15.36 -20.91
C THR A 96 6.11 13.91 -21.09
N THR A 97 6.83 13.17 -21.94
CA THR A 97 6.54 11.75 -22.14
C THR A 97 7.57 10.90 -21.42
N GLY A 98 8.48 11.55 -20.70
CA GLY A 98 9.47 10.83 -19.91
C GLY A 98 9.05 10.82 -18.45
N HIS A 99 9.97 10.44 -17.57
CA HIS A 99 9.67 10.36 -16.14
C HIS A 99 9.36 11.74 -15.54
N SER A 100 8.38 11.78 -14.64
CA SER A 100 8.19 12.94 -13.79
C SER A 100 7.80 12.51 -12.39
N TYR A 101 8.34 13.18 -11.37
CA TYR A 101 7.95 12.88 -9.99
C TYR A 101 6.54 13.39 -9.70
N GLU A 102 6.02 14.24 -10.58
CA GLU A 102 4.66 14.79 -10.45
C GLU A 102 3.68 14.19 -11.46
N LYS A 103 4.02 13.03 -12.02
CA LYS A 103 3.05 12.30 -12.84
C LYS A 103 3.11 10.83 -12.43
N TYR A 104 2.08 10.08 -12.77
CA TYR A 104 2.14 8.63 -12.64
C TYR A 104 2.91 8.07 -13.82
N ASN A 105 3.91 7.25 -13.53
CA ASN A 105 4.81 6.71 -14.54
C ASN A 105 4.57 5.23 -14.76
N ASN A 106 4.58 4.80 -16.02
CA ASN A 106 4.34 3.38 -16.30
C ASN A 106 5.59 2.57 -15.93
N TRP A 107 5.49 1.24 -15.94
CA TRP A 107 6.61 0.45 -15.44
C TRP A 107 7.88 0.64 -16.27
N GLU A 108 7.75 0.66 -17.60
CA GLU A 108 8.94 0.89 -18.44
C GLU A 108 9.66 2.16 -18.01
N THR A 109 8.88 3.17 -17.67
CA THR A 109 9.43 4.48 -17.25
C THR A 109 10.06 4.43 -15.86
N ILE A 110 9.40 3.76 -14.92
CA ILE A 110 9.94 3.60 -13.58
C ILE A 110 11.24 2.78 -13.62
N GLU A 111 11.24 1.71 -14.41
CA GLU A 111 12.41 0.85 -14.52
C GLU A 111 13.60 1.67 -15.05
N ALA A 112 13.35 2.45 -16.10
CA ALA A 112 14.41 3.27 -16.68
C ALA A 112 14.89 4.30 -15.65
N TRP A 113 13.94 4.86 -14.90
CA TRP A 113 14.29 5.77 -13.80
C TRP A 113 15.21 5.12 -12.75
N THR A 114 14.95 3.86 -12.35
CA THR A 114 15.84 3.22 -11.36
C THR A 114 17.27 3.14 -11.87
N LYS A 115 17.44 2.87 -13.16
CA LYS A 115 18.77 2.80 -13.73
C LYS A 115 19.40 4.19 -13.79
N GLN A 116 18.63 5.17 -14.26
CA GLN A 116 19.15 6.53 -14.38
C GLN A 116 19.52 7.20 -13.03
N VAL A 117 18.65 7.08 -12.04
CA VAL A 117 18.91 7.78 -10.78
C VAL A 117 20.14 7.15 -10.10
N THR A 118 20.33 5.87 -10.31
CA THR A 118 21.49 5.17 -9.77
C THR A 118 22.77 5.62 -10.49
N SER A 119 22.70 5.66 -11.81
CA SER A 119 23.83 6.09 -12.64
C SER A 119 24.27 7.51 -12.27
N GLU A 120 23.31 8.37 -11.96
CA GLU A 120 23.58 9.78 -11.69
C GLU A 120 24.09 10.02 -10.28
N ASN A 121 23.87 9.05 -9.39
CA ASN A 121 24.19 9.21 -7.98
C ASN A 121 24.90 7.98 -7.40
N PRO A 122 26.01 7.55 -8.03
CA PRO A 122 26.66 6.32 -7.59
C PRO A 122 27.25 6.39 -6.17
N ASP A 123 27.51 7.59 -5.65
CA ASP A 123 28.00 7.68 -4.27
C ASP A 123 26.88 7.63 -3.23
N LEU A 124 25.63 7.53 -3.68
CA LEU A 124 24.48 7.52 -2.76
C LEU A 124 23.49 6.38 -3.03
N ILE A 125 23.56 5.79 -4.21
CA ILE A 125 22.58 4.78 -4.61
C ILE A 125 23.22 3.61 -5.34
N SER A 126 22.83 2.40 -4.96
CA SER A 126 23.12 1.23 -5.78
C SER A 126 21.82 0.47 -6.06
N ARG A 127 21.78 -0.24 -7.18
CA ARG A 127 20.58 -0.95 -7.60
C ARG A 127 20.86 -2.45 -7.74
N THR A 128 19.94 -3.27 -7.24
CA THR A 128 20.03 -4.72 -7.44
C THR A 128 18.66 -5.25 -7.83
N ALA A 129 18.63 -6.43 -8.44
CA ALA A 129 17.38 -7.12 -8.69
C ALA A 129 17.32 -8.26 -7.69
N ILE A 130 16.29 -8.27 -6.86
CA ILE A 130 16.21 -9.26 -5.78
C ILE A 130 15.47 -10.52 -6.20
N GLY A 131 15.01 -10.54 -7.45
CA GLY A 131 14.26 -11.68 -7.98
C GLY A 131 13.48 -11.27 -9.21
N THR A 132 12.63 -12.16 -9.72
CA THR A 132 11.76 -11.81 -10.85
C THR A 132 10.31 -12.13 -10.53
N THR A 133 9.41 -11.44 -11.22
CA THR A 133 7.98 -11.67 -11.04
C THR A 133 7.54 -12.92 -11.78
N PHE A 134 6.27 -13.26 -11.63
CA PHE A 134 5.70 -14.39 -12.34
C PHE A 134 5.96 -14.31 -13.85
N LEU A 135 5.81 -13.11 -14.41
CA LEU A 135 6.03 -12.91 -15.85
C LEU A 135 7.49 -12.71 -16.25
N GLY A 136 8.39 -12.68 -15.27
CA GLY A 136 9.84 -12.59 -15.54
C GLY A 136 10.43 -11.18 -15.49
N ASN A 137 9.68 -10.22 -14.96
CA ASN A 137 10.20 -8.86 -14.79
C ASN A 137 11.13 -8.76 -13.58
N ASN A 138 12.27 -8.09 -13.73
CA ASN A 138 13.20 -7.89 -12.63
C ASN A 138 12.57 -7.03 -11.53
N ILE A 139 12.69 -7.48 -10.29
CA ILE A 139 12.21 -6.73 -9.12
C ILE A 139 13.36 -5.89 -8.53
N TYR A 140 13.36 -4.60 -8.84
CA TYR A 140 14.47 -3.74 -8.45
C TYR A 140 14.36 -3.22 -7.04
N LEU A 141 15.52 -3.13 -6.38
CA LEU A 141 15.64 -2.57 -5.05
C LEU A 141 16.77 -1.56 -5.07
N LEU A 142 16.53 -0.39 -4.50
CA LEU A 142 17.53 0.65 -4.43
C LEU A 142 18.05 0.78 -3.01
N LYS A 143 19.36 0.80 -2.85
CA LYS A 143 19.96 1.04 -1.55
C LYS A 143 20.45 2.49 -1.53
N VAL A 144 19.92 3.29 -0.62
CA VAL A 144 20.17 4.72 -0.60
C VAL A 144 20.91 5.05 0.69
N GLY A 145 22.11 5.62 0.56
CA GLY A 145 22.95 5.93 1.71
C GLY A 145 24.40 6.17 1.32
N LYS A 146 25.13 6.90 2.16
CA LYS A 146 26.58 7.06 1.96
C LYS A 146 27.26 5.75 2.33
N PRO A 147 28.13 5.23 1.46
CA PRO A 147 28.81 3.95 1.72
C PRO A 147 29.49 3.92 3.09
N GLY A 148 29.31 2.83 3.82
CA GLY A 148 29.94 2.67 5.13
C GLY A 148 29.70 1.27 5.70
N PRO A 149 30.56 0.85 6.64
CA PRO A 149 30.42 -0.48 7.24
C PRO A 149 29.40 -0.55 8.38
N ASN A 150 28.79 -1.72 8.53
CA ASN A 150 27.93 -1.99 9.67
C ASN A 150 26.79 -0.98 9.85
N LYS A 151 26.21 -0.54 8.75
CA LYS A 151 25.13 0.44 8.84
C LYS A 151 23.78 -0.25 9.06
N PRO A 152 23.01 0.24 10.01
CA PRO A 152 21.63 -0.21 10.15
C PRO A 152 20.84 0.30 8.94
N ALA A 153 19.66 -0.27 8.73
CA ALA A 153 18.86 0.04 7.56
C ALA A 153 17.39 0.13 7.88
N ILE A 154 16.69 0.94 7.11
CA ILE A 154 15.23 0.99 7.13
C ILE A 154 14.73 0.48 5.77
N PHE A 155 13.81 -0.48 5.78
CA PHE A 155 13.30 -1.07 4.54
C PHE A 155 11.93 -0.49 4.25
N MET A 156 11.72 -0.02 3.02
CA MET A 156 10.44 0.52 2.62
C MET A 156 10.03 -0.04 1.26
N ASP A 157 8.80 -0.53 1.17
CA ASP A 157 8.29 -0.95 -0.13
C ASP A 157 7.02 -0.24 -0.53
N CYS A 158 6.80 -0.16 -1.84
CA CYS A 158 5.61 0.44 -2.41
C CYS A 158 5.05 -0.52 -3.47
N GLY A 159 3.79 -0.32 -3.83
CA GLY A 159 3.18 -1.06 -4.93
C GLY A 159 2.91 -2.54 -4.70
N PHE A 160 2.62 -2.94 -3.47
CA PHE A 160 2.05 -4.30 -3.25
C PHE A 160 0.79 -4.45 -4.09
N HIS A 161 -0.06 -3.44 -4.03
CA HIS A 161 -1.35 -3.51 -4.71
C HIS A 161 -1.38 -2.62 -5.95
N ALA A 162 -1.71 -3.24 -7.07
CA ALA A 162 -1.47 -2.66 -8.39
C ALA A 162 -2.15 -1.31 -8.55
N ARG A 163 -3.39 -1.20 -8.09
CA ARG A 163 -4.18 0.03 -8.33
C ARG A 163 -3.85 1.21 -7.39
N GLU A 164 -3.02 0.98 -6.38
CA GLU A 164 -2.71 2.02 -5.39
C GLU A 164 -1.55 2.89 -5.89
N TRP A 165 -1.83 3.62 -6.97
CA TRP A 165 -0.79 4.31 -7.73
C TRP A 165 0.00 5.35 -6.94
N ILE A 166 -0.63 5.98 -5.96
CA ILE A 166 0.06 6.99 -5.15
C ILE A 166 1.21 6.37 -4.35
N SER A 167 1.10 5.09 -4.01
CA SER A 167 2.20 4.41 -3.28
C SER A 167 3.47 4.31 -4.15
N HIS A 168 3.31 3.85 -5.40
CA HIS A 168 4.46 3.78 -6.31
C HIS A 168 5.08 5.17 -6.46
N ALA A 169 4.23 6.18 -6.60
CA ALA A 169 4.71 7.55 -6.77
C ALA A 169 5.52 7.99 -5.55
N PHE A 170 5.10 7.57 -4.38
CA PHE A 170 5.77 8.02 -3.17
C PHE A 170 7.19 7.47 -3.03
N CYS A 171 7.40 6.19 -3.34
CA CYS A 171 8.77 5.63 -3.25
C CYS A 171 9.74 6.40 -4.17
N GLN A 172 9.25 6.80 -5.34
CA GLN A 172 10.11 7.58 -6.24
C GLN A 172 10.43 8.95 -5.64
N TRP A 173 9.42 9.60 -5.07
CA TRP A 173 9.61 10.90 -4.45
C TRP A 173 10.62 10.81 -3.31
N PHE A 174 10.53 9.74 -2.53
CA PHE A 174 11.42 9.56 -1.40
C PHE A 174 12.88 9.55 -1.86
N VAL A 175 13.14 8.76 -2.89
CA VAL A 175 14.49 8.66 -3.42
C VAL A 175 15.00 10.02 -3.90
N ARG A 176 14.16 10.76 -4.63
CA ARG A 176 14.51 12.12 -5.06
C ARG A 176 14.90 13.01 -3.89
N GLU A 177 14.09 12.99 -2.83
CA GLU A 177 14.37 13.81 -1.65
C GLU A 177 15.67 13.39 -0.97
N ALA A 178 15.90 12.09 -0.83
CA ALA A 178 17.15 11.61 -0.23
C ALA A 178 18.37 12.17 -0.95
N VAL A 179 18.44 12.02 -2.28
CA VAL A 179 19.64 12.45 -3.01
C VAL A 179 19.77 13.96 -3.15
N LEU A 180 18.66 14.68 -3.32
CA LEU A 180 18.75 16.12 -3.56
C LEU A 180 18.89 16.93 -2.28
N THR A 181 18.50 16.37 -1.14
CA THR A 181 18.66 17.09 0.12
C THR A 181 19.89 16.68 0.92
N TYR A 182 20.52 15.55 0.56
CA TYR A 182 21.78 15.18 1.20
C TYR A 182 22.80 16.30 1.01
N GLY A 183 23.39 16.76 2.12
CA GLY A 183 24.39 17.80 2.07
C GLY A 183 23.79 19.19 2.23
N TYR A 184 22.46 19.26 2.18
CA TYR A 184 21.75 20.55 2.24
C TYR A 184 20.79 20.67 3.41
N GLU A 185 20.23 19.55 3.85
CA GLU A 185 19.35 19.55 5.00
C GLU A 185 19.96 18.64 6.06
N SER A 186 20.09 19.14 7.28
CA SER A 186 20.88 18.42 8.30
C SER A 186 20.38 17.03 8.66
N HIS A 187 19.06 16.84 8.77
CA HIS A 187 18.52 15.53 9.14
C HIS A 187 18.77 14.47 8.08
N MET A 188 18.39 14.77 6.84
CA MET A 188 18.65 13.80 5.76
C MET A 188 20.15 13.50 5.63
N THR A 189 20.98 14.51 5.87
CA THR A 189 22.42 14.31 5.80
C THR A 189 22.87 13.31 6.88
N GLU A 190 22.41 13.53 8.11
CA GLU A 190 22.70 12.59 9.18
C GLU A 190 22.13 11.20 8.87
N PHE A 191 20.90 11.15 8.36
CA PHE A 191 20.28 9.86 8.02
C PHE A 191 21.13 9.03 7.07
N LEU A 192 21.54 9.63 5.95
CA LEU A 192 22.28 8.88 4.93
C LEU A 192 23.71 8.56 5.37
N ASN A 193 24.29 9.37 6.25
CA ASN A 193 25.61 9.07 6.80
C ASN A 193 25.58 7.85 7.71
N LYS A 194 24.53 7.73 8.51
CA LYS A 194 24.46 6.75 9.59
C LYS A 194 23.68 5.49 9.26
N LEU A 195 22.71 5.60 8.36
CA LEU A 195 21.94 4.42 7.97
C LEU A 195 21.73 4.32 6.46
N ASP A 196 21.18 3.19 6.02
CA ASP A 196 20.77 3.03 4.63
C ASP A 196 19.26 2.89 4.55
N PHE A 197 18.67 3.31 3.44
CA PHE A 197 17.28 3.00 3.14
C PHE A 197 17.28 1.97 2.02
N TYR A 198 16.57 0.86 2.23
CA TYR A 198 16.34 -0.10 1.14
C TYR A 198 14.95 0.21 0.59
N VAL A 199 14.88 0.67 -0.64
CA VAL A 199 13.62 1.13 -1.20
C VAL A 199 13.23 0.24 -2.38
N LEU A 200 12.09 -0.43 -2.26
CA LEU A 200 11.60 -1.31 -3.31
C LEU A 200 10.43 -0.58 -3.94
N PRO A 201 10.65 0.11 -5.07
CA PRO A 201 9.67 1.07 -5.60
C PRO A 201 8.36 0.44 -6.09
N VAL A 202 8.44 -0.76 -6.67
CA VAL A 202 7.25 -1.49 -7.06
C VAL A 202 7.43 -2.99 -6.82
N LEU A 203 6.65 -3.57 -5.94
CA LEU A 203 6.77 -5.00 -5.69
C LEU A 203 6.00 -5.79 -6.76
N ASN A 204 4.72 -5.44 -6.93
CA ASN A 204 3.81 -6.15 -7.81
C ASN A 204 3.85 -5.52 -9.21
N ILE A 205 4.96 -5.77 -9.90
CA ILE A 205 5.19 -5.17 -11.21
C ILE A 205 4.17 -5.68 -12.26
N ASP A 206 3.90 -6.98 -12.28
CA ASP A 206 3.01 -7.55 -13.31
C ASP A 206 1.63 -6.96 -13.13
N GLY A 207 1.17 -6.84 -11.89
CA GLY A 207 -0.12 -6.21 -11.60
C GLY A 207 -0.15 -4.76 -12.04
N TYR A 208 0.91 -4.01 -11.73
CA TYR A 208 0.96 -2.60 -12.07
C TYR A 208 0.86 -2.40 -13.59
N ILE A 209 1.59 -3.21 -14.34
CA ILE A 209 1.50 -3.15 -15.80
C ILE A 209 0.06 -3.37 -16.27
N TYR A 210 -0.60 -4.34 -15.65
CA TYR A 210 -1.98 -4.67 -15.97
C TYR A 210 -2.95 -3.50 -15.72
N THR A 211 -2.69 -2.69 -14.69
CA THR A 211 -3.55 -1.52 -14.44
C THR A 211 -3.37 -0.45 -15.51
N TRP A 212 -2.23 -0.49 -16.20
CA TRP A 212 -1.98 0.47 -17.29
C TRP A 212 -2.52 -0.02 -18.64
N THR A 213 -2.57 -1.33 -18.83
CA THR A 213 -2.87 -1.88 -20.16
C THR A 213 -4.30 -2.42 -20.29
N LYS A 214 -4.84 -2.94 -19.20
CA LYS A 214 -6.13 -3.62 -19.29
C LYS A 214 -7.18 -3.20 -18.26
N ASN A 215 -6.78 -3.02 -17.01
CA ASN A 215 -7.78 -2.86 -15.94
C ASN A 215 -7.25 -2.03 -14.77
N ARG A 216 -7.62 -0.76 -14.75
CA ARG A 216 -7.14 0.19 -13.74
C ARG A 216 -7.45 -0.26 -12.30
N MET A 217 -8.44 -1.14 -12.15
CA MET A 217 -8.91 -1.56 -10.81
C MET A 217 -8.24 -2.84 -10.29
N TRP A 218 -7.32 -3.40 -11.08
CA TRP A 218 -6.62 -4.62 -10.68
C TRP A 218 -5.79 -4.40 -9.40
N ARG A 219 -5.67 -5.44 -8.57
CA ARG A 219 -4.94 -5.37 -7.29
C ARG A 219 -3.86 -6.45 -7.14
N LYS A 220 -4.24 -7.67 -7.48
CA LYS A 220 -3.46 -8.86 -7.15
C LYS A 220 -2.25 -9.08 -8.06
N THR A 221 -1.49 -10.14 -7.83
CA THR A 221 -0.43 -10.54 -8.77
C THR A 221 -1.10 -11.05 -10.07
N ARG A 222 -0.30 -11.52 -11.02
CA ARG A 222 -0.84 -12.01 -12.29
C ARG A 222 -0.49 -13.48 -12.53
N SER A 223 -0.20 -14.20 -11.45
CA SER A 223 0.08 -15.63 -11.53
C SER A 223 -1.16 -16.46 -11.82
N THR A 224 -0.96 -17.60 -12.49
CA THR A 224 -2.05 -18.53 -12.76
C THR A 224 -2.39 -19.34 -11.51
N ASN A 225 -3.62 -19.86 -11.47
CA ASN A 225 -4.08 -20.71 -10.39
C ASN A 225 -4.64 -22.03 -10.94
N ALA A 226 -4.29 -23.13 -10.30
CA ALA A 226 -4.74 -24.45 -10.75
C ALA A 226 -6.27 -24.56 -10.77
N GLY A 227 -6.80 -25.14 -11.84
CA GLY A 227 -8.22 -25.45 -11.92
C GLY A 227 -9.19 -24.30 -12.15
N THR A 228 -8.68 -23.10 -12.45
CA THR A 228 -9.57 -21.96 -12.64
C THR A 228 -8.97 -20.92 -13.58
N THR A 229 -9.82 -20.12 -14.19
CA THR A 229 -9.39 -18.99 -15.00
C THR A 229 -9.02 -17.79 -14.13
N CYS A 230 -9.43 -17.81 -12.87
CA CYS A 230 -9.16 -16.65 -12.01
C CYS A 230 -7.67 -16.48 -11.76
N ILE A 231 -7.20 -15.24 -11.95
CA ILE A 231 -5.78 -14.91 -11.90
C ILE A 231 -5.40 -14.20 -10.60
N GLY A 232 -4.25 -14.55 -10.06
CA GLY A 232 -3.60 -13.72 -9.05
C GLY A 232 -3.85 -14.04 -7.59
N THR A 233 -2.89 -13.60 -6.77
CA THR A 233 -2.92 -13.75 -5.31
C THR A 233 -2.79 -12.36 -4.68
N ASP A 234 -3.41 -12.14 -3.51
CA ASP A 234 -3.18 -10.87 -2.78
C ASP A 234 -1.84 -10.95 -2.07
N PRO A 235 -0.84 -10.19 -2.53
CA PRO A 235 0.48 -10.34 -1.95
C PRO A 235 0.50 -10.01 -0.46
N ASN A 236 -0.41 -9.14 0.00
CA ASN A 236 -0.46 -8.81 1.43
C ASN A 236 -1.27 -9.81 2.26
N ARG A 237 -1.63 -10.94 1.65
CA ARG A 237 -2.18 -12.07 2.39
C ARG A 237 -1.33 -13.33 2.16
N ASN A 238 -0.15 -13.14 1.57
CA ASN A 238 0.71 -14.27 1.13
C ASN A 238 1.92 -14.55 2.04
N PHE A 239 2.06 -13.78 3.11
CA PHE A 239 3.23 -13.96 3.98
C PHE A 239 2.94 -14.93 5.12
N ASP A 240 4.01 -15.44 5.72
CA ASP A 240 3.90 -16.49 6.73
C ASP A 240 3.61 -15.88 8.11
N ALA A 241 2.43 -15.27 8.24
CA ALA A 241 1.98 -14.66 9.50
C ALA A 241 0.53 -15.10 9.78
N GLY A 242 0.36 -16.13 10.62
CA GLY A 242 -0.96 -16.73 10.79
C GLY A 242 -1.58 -17.03 9.44
N TRP A 243 -0.75 -17.48 8.50
CA TRP A 243 -1.17 -17.52 7.10
C TRP A 243 -2.51 -18.19 6.81
N CYS A 244 -3.40 -17.43 6.17
CA CYS A 244 -4.70 -17.90 5.66
C CYS A 244 -5.64 -18.45 6.74
N THR A 245 -5.56 -17.90 7.95
CA THR A 245 -6.37 -18.40 9.06
C THR A 245 -7.54 -17.47 9.33
N THR A 246 -7.52 -16.28 8.76
CA THR A 246 -8.56 -15.30 9.05
C THR A 246 -8.50 -14.12 8.09
N GLY A 247 -9.66 -13.56 7.77
CA GLY A 247 -9.76 -12.35 6.99
C GLY A 247 -9.25 -12.42 5.55
N ALA A 248 -8.96 -13.63 5.06
CA ALA A 248 -8.50 -13.78 3.68
C ALA A 248 -9.44 -14.71 2.94
N SER A 249 -8.97 -15.34 1.87
CA SER A 249 -9.82 -16.27 1.13
C SER A 249 -9.01 -17.42 0.55
N THR A 250 -9.56 -18.63 0.57
CA THR A 250 -8.94 -19.77 -0.10
C THR A 250 -9.45 -19.92 -1.54
N ASP A 251 -10.31 -19.01 -1.97
CA ASP A 251 -10.83 -19.03 -3.33
C ASP A 251 -10.01 -18.11 -4.24
N PRO A 252 -9.36 -18.70 -5.26
CA PRO A 252 -8.50 -17.92 -6.15
C PRO A 252 -9.26 -16.79 -6.86
N CYS A 253 -10.59 -16.88 -6.90
CA CYS A 253 -11.39 -15.86 -7.56
C CYS A 253 -11.64 -14.66 -6.65
N ASP A 254 -11.29 -14.76 -5.37
CA ASP A 254 -11.49 -13.65 -4.45
C ASP A 254 -10.30 -12.68 -4.48
N GLU A 255 -10.58 -11.40 -4.22
CA GLU A 255 -9.53 -10.38 -4.24
C GLU A 255 -8.54 -10.53 -3.08
N THR A 256 -8.93 -11.27 -2.04
CA THR A 256 -8.06 -11.51 -0.89
C THR A 256 -7.51 -12.95 -0.86
N TYR A 257 -7.47 -13.61 -2.03
CA TYR A 257 -6.91 -14.95 -2.10
C TYR A 257 -5.52 -15.01 -1.47
N CYS A 258 -5.33 -15.94 -0.54
CA CYS A 258 -4.08 -16.01 0.20
C CYS A 258 -2.96 -16.72 -0.58
N GLY A 259 -3.30 -17.32 -1.72
CA GLY A 259 -2.34 -18.09 -2.50
C GLY A 259 -2.38 -19.56 -2.12
N SER A 260 -1.63 -20.37 -2.83
CA SER A 260 -1.66 -21.82 -2.59
C SER A 260 -0.85 -22.21 -1.35
N ALA A 261 0.08 -21.34 -0.95
CA ALA A 261 0.88 -21.55 0.26
C ALA A 261 1.49 -20.21 0.65
N ALA A 262 1.99 -20.08 1.88
CA ALA A 262 2.72 -18.86 2.24
C ALA A 262 3.93 -18.71 1.32
N GLU A 263 4.18 -17.50 0.84
CA GLU A 263 5.29 -17.25 -0.08
C GLU A 263 5.22 -18.05 -1.38
N SER A 264 4.01 -18.41 -1.79
CA SER A 264 3.79 -19.09 -3.08
C SER A 264 4.11 -18.18 -4.26
N GLU A 265 3.98 -16.86 -4.06
CA GLU A 265 4.26 -15.91 -5.14
C GLU A 265 5.76 -15.63 -5.24
N LYS A 266 6.29 -15.60 -6.45
CA LYS A 266 7.70 -15.24 -6.66
C LYS A 266 8.06 -13.91 -6.01
N GLU A 267 7.14 -12.94 -6.08
CA GLU A 267 7.40 -11.58 -5.58
C GLU A 267 7.54 -11.56 -4.05
N THR A 268 6.62 -12.23 -3.38
CA THR A 268 6.63 -12.21 -1.92
C THR A 268 7.80 -13.05 -1.40
N LYS A 269 8.09 -14.17 -2.07
CA LYS A 269 9.27 -14.97 -1.72
C LYS A 269 10.55 -14.14 -1.88
N ALA A 270 10.65 -13.34 -2.93
CA ALA A 270 11.87 -12.55 -3.14
C ALA A 270 12.03 -11.52 -2.03
N LEU A 271 10.92 -10.91 -1.62
CA LEU A 271 10.94 -9.91 -0.55
C LEU A 271 11.29 -10.57 0.78
N ALA A 272 10.65 -11.69 1.09
CA ALA A 272 10.91 -12.37 2.37
C ALA A 272 12.35 -12.89 2.41
N ASP A 273 12.83 -13.44 1.30
CA ASP A 273 14.23 -13.88 1.22
C ASP A 273 15.20 -12.72 1.47
N PHE A 274 14.96 -11.59 0.80
CA PHE A 274 15.87 -10.46 0.99
C PHE A 274 15.88 -10.02 2.44
N ILE A 275 14.71 -9.91 3.05
CA ILE A 275 14.66 -9.47 4.44
C ILE A 275 15.35 -10.45 5.38
N ARG A 276 15.12 -11.75 5.18
CA ARG A 276 15.81 -12.76 6.01
C ARG A 276 17.33 -12.70 5.86
N ASN A 277 17.79 -12.54 4.61
CA ASN A 277 19.23 -12.42 4.30
C ASN A 277 19.86 -11.15 4.85
N ASN A 278 19.03 -10.18 5.19
CA ASN A 278 19.53 -8.89 5.67
C ASN A 278 19.03 -8.50 7.06
N LEU A 279 18.56 -9.49 7.81
CA LEU A 279 17.83 -9.23 9.04
C LEU A 279 18.65 -8.51 10.12
N SER A 280 19.95 -8.77 10.18
CA SER A 280 20.79 -8.13 11.21
C SER A 280 20.86 -6.62 10.99
N SER A 281 20.68 -6.19 9.74
CA SER A 281 20.80 -4.79 9.36
C SER A 281 19.49 -4.03 9.49
N ILE A 282 18.40 -4.69 9.13
CA ILE A 282 17.11 -4.01 8.98
C ILE A 282 16.44 -3.78 10.34
N LYS A 283 16.26 -2.52 10.70
CA LYS A 283 15.71 -2.15 12.02
C LYS A 283 14.27 -1.66 11.94
N ALA A 284 13.81 -1.32 10.75
CA ALA A 284 12.41 -0.93 10.57
C ALA A 284 11.90 -1.37 9.20
N TYR A 285 10.60 -1.66 9.14
CA TYR A 285 9.95 -2.09 7.91
C TYR A 285 8.73 -1.20 7.70
N LEU A 286 8.68 -0.53 6.55
CA LEU A 286 7.64 0.40 6.21
C LEU A 286 7.01 -0.03 4.89
N THR A 287 5.69 -0.20 4.87
CA THR A 287 5.03 -0.64 3.64
C THR A 287 3.95 0.36 3.24
N ILE A 288 4.01 0.84 2.00
CA ILE A 288 3.20 1.99 1.56
C ILE A 288 2.00 1.58 0.71
N HIS A 289 0.81 2.04 1.12
CA HIS A 289 -0.45 1.70 0.44
C HIS A 289 -1.33 2.93 0.27
N SER A 290 -2.52 2.74 -0.29
CA SER A 290 -3.60 3.76 -0.27
C SER A 290 -4.91 3.00 -0.34
N TYR A 291 -6.05 3.63 -0.01
CA TYR A 291 -6.13 4.98 0.53
C TYR A 291 -6.67 4.92 1.97
N SER A 292 -6.97 6.09 2.55
CA SER A 292 -7.74 6.21 3.80
C SER A 292 -7.02 6.93 4.94
N GLN A 293 -5.75 7.29 4.71
CA GLN A 293 -5.01 8.17 5.61
C GLN A 293 -4.85 7.59 7.02
N MET A 294 -4.06 6.51 7.11
CA MET A 294 -3.82 5.82 8.35
C MET A 294 -2.37 5.40 8.49
N ILE A 295 -1.90 5.29 9.74
CA ILE A 295 -0.68 4.54 10.02
C ILE A 295 -1.05 3.38 10.92
N LEU A 296 -0.86 2.17 10.42
CA LEU A 296 -1.19 0.96 11.17
C LEU A 296 0.06 0.17 11.55
N TYR A 297 -0.03 -0.54 12.66
CA TYR A 297 1.07 -1.38 13.10
C TYR A 297 0.47 -2.71 13.57
N PRO A 298 1.33 -3.70 13.89
CA PRO A 298 0.83 -5.03 14.27
C PRO A 298 -0.02 -4.99 15.56
N TYR A 299 -0.92 -5.96 15.72
CA TYR A 299 -1.11 -7.05 14.76
C TYR A 299 -2.41 -6.93 13.97
N SER A 300 -2.40 -7.42 12.73
CA SER A 300 -3.65 -7.58 11.97
C SER A 300 -4.19 -9.01 12.03
N TYR A 301 -3.32 -10.00 12.21
CA TYR A 301 -3.77 -11.39 12.07
C TYR A 301 -4.48 -11.96 13.31
N ASP A 302 -4.48 -11.18 14.40
CA ASP A 302 -5.00 -11.65 15.68
C ASP A 302 -5.28 -10.41 16.53
N TYR A 303 -6.20 -10.53 17.49
CA TYR A 303 -6.54 -9.39 18.34
C TYR A 303 -5.46 -9.06 19.36
N LYS A 304 -4.42 -9.88 19.41
CA LYS A 304 -3.33 -9.69 20.37
C LYS A 304 -2.49 -8.44 20.04
N LEU A 305 -1.90 -7.84 21.05
CA LEU A 305 -1.09 -6.65 20.84
C LEU A 305 0.39 -6.99 20.87
N PRO A 306 1.19 -6.22 20.11
CA PRO A 306 2.63 -6.43 20.13
C PRO A 306 3.19 -6.10 21.52
N GLU A 307 4.32 -6.70 21.86
CA GLU A 307 4.98 -6.46 23.14
C GLU A 307 5.32 -4.99 23.36
N ASN A 308 5.70 -4.29 22.30
CA ASN A 308 5.98 -2.86 22.40
C ASN A 308 4.84 -1.99 21.85
N ASN A 309 3.60 -2.42 22.13
CA ASN A 309 2.43 -1.68 21.70
C ASN A 309 2.45 -0.20 22.12
N ALA A 310 2.79 0.07 23.37
CA ALA A 310 2.74 1.46 23.82
C ALA A 310 3.71 2.30 23.00
N GLU A 311 4.90 1.75 22.76
CA GLU A 311 5.90 2.46 21.94
C GLU A 311 5.41 2.75 20.53
N LEU A 312 4.83 1.72 19.89
CA LEU A 312 4.40 1.84 18.50
C LEU A 312 3.25 2.83 18.40
N ASN A 313 2.36 2.81 19.38
CA ASN A 313 1.24 3.73 19.42
C ASN A 313 1.70 5.17 19.53
N ASN A 314 2.64 5.42 20.43
CA ASN A 314 3.21 6.75 20.61
C ASN A 314 3.95 7.25 19.37
N LEU A 315 4.73 6.38 18.75
CA LEU A 315 5.47 6.71 17.52
C LEU A 315 4.51 7.06 16.39
N ALA A 316 3.46 6.25 16.23
CA ALA A 316 2.43 6.50 15.23
C ALA A 316 1.72 7.82 15.47
N LYS A 317 1.35 8.06 16.73
CA LYS A 317 0.72 9.33 17.09
C LYS A 317 1.59 10.53 16.70
N ALA A 318 2.87 10.47 17.05
CA ALA A 318 3.78 11.57 16.74
C ALA A 318 3.96 11.76 15.23
N ALA A 319 4.06 10.67 14.49
CA ALA A 319 4.25 10.74 13.04
C ALA A 319 3.03 11.36 12.37
N VAL A 320 1.85 10.97 12.83
CA VAL A 320 0.59 11.51 12.31
C VAL A 320 0.50 13.03 12.57
N LYS A 321 0.94 13.46 13.74
CA LYS A 321 0.94 14.87 14.10
C LYS A 321 1.94 15.66 13.25
N GLU A 322 3.12 15.08 13.05
CA GLU A 322 4.11 15.72 12.21
C GLU A 322 3.59 15.88 10.77
N LEU A 323 2.93 14.84 10.25
CA LEU A 323 2.37 14.91 8.90
C LEU A 323 1.38 16.07 8.73
N ALA A 324 0.55 16.28 9.75
CA ALA A 324 -0.50 17.31 9.70
C ALA A 324 0.04 18.74 9.69
N THR A 325 1.29 18.93 10.14
CA THR A 325 1.82 20.29 10.26
C THR A 325 1.89 21.01 8.92
N LEU A 326 1.98 20.23 7.84
CA LEU A 326 2.21 20.83 6.52
C LEU A 326 0.95 21.41 5.88
N TYR A 327 -0.07 20.58 5.71
CA TYR A 327 -1.29 21.01 5.02
C TYR A 327 -2.53 20.76 5.87
N GLY A 328 -2.33 20.28 7.08
CA GLY A 328 -3.44 19.97 7.98
C GLY A 328 -4.16 18.66 7.71
N THR A 329 -3.57 17.81 6.86
CA THR A 329 -4.14 16.51 6.54
C THR A 329 -4.28 15.60 7.75
N LYS A 330 -5.47 15.06 7.97
CA LYS A 330 -5.73 14.23 9.14
C LYS A 330 -5.59 12.72 8.92
N TYR A 331 -4.69 12.10 9.68
CA TYR A 331 -4.52 10.64 9.66
C TYR A 331 -5.02 10.04 10.97
N THR A 332 -5.51 8.81 10.92
CA THR A 332 -5.76 8.03 12.13
C THR A 332 -4.68 6.95 12.27
N TYR A 333 -4.64 6.25 13.40
CA TYR A 333 -3.59 5.26 13.66
C TYR A 333 -4.02 4.21 14.68
N GLY A 334 -3.34 3.07 14.67
CA GLY A 334 -3.57 2.04 15.66
C GLY A 334 -3.21 0.65 15.16
N PRO A 335 -3.47 -0.37 15.97
CA PRO A 335 -3.19 -1.75 15.58
C PRO A 335 -4.10 -2.16 14.41
N GLY A 336 -3.59 -2.98 13.50
CA GLY A 336 -4.37 -3.37 12.33
C GLY A 336 -5.74 -3.90 12.69
N ALA A 337 -5.77 -4.80 13.66
CA ALA A 337 -7.02 -5.46 14.04
C ALA A 337 -8.01 -4.56 14.77
N THR A 338 -7.74 -3.25 14.82
CA THR A 338 -8.74 -2.32 15.37
C THR A 338 -9.40 -1.52 14.26
N THR A 339 -8.94 -1.70 13.02
CA THR A 339 -9.50 -0.95 11.90
C THR A 339 -10.27 -1.87 10.95
N ILE A 340 -9.87 -3.13 10.90
CA ILE A 340 -10.59 -4.10 10.09
C ILE A 340 -10.75 -5.37 10.91
N TYR A 341 -11.63 -6.25 10.45
CA TYR A 341 -11.71 -7.55 11.05
C TYR A 341 -10.35 -8.20 10.80
N PRO A 342 -9.81 -8.92 11.79
CA PRO A 342 -8.47 -9.54 11.67
C PRO A 342 -8.19 -10.14 10.28
N ALA A 343 -7.01 -9.87 9.75
CA ALA A 343 -6.62 -10.36 8.43
C ALA A 343 -5.19 -10.90 8.49
N ALA A 344 -5.04 -12.15 8.05
CA ALA A 344 -3.78 -12.86 8.19
C ALA A 344 -2.88 -12.72 6.95
N GLY A 345 -1.61 -13.02 7.12
CA GLY A 345 -0.68 -13.08 6.01
C GLY A 345 -0.05 -11.77 5.59
N GLY A 346 -0.22 -10.71 6.39
CA GLY A 346 0.36 -9.39 6.09
C GLY A 346 1.88 -9.31 6.25
N SER A 347 2.53 -8.52 5.38
CA SER A 347 3.98 -8.37 5.45
C SER A 347 4.44 -7.59 6.70
N ASP A 348 3.65 -6.64 7.15
CA ASP A 348 4.01 -5.88 8.36
C ASP A 348 4.03 -6.77 9.61
N ASP A 349 3.01 -7.62 9.75
CA ASP A 349 3.00 -8.63 10.82
C ASP A 349 4.17 -9.61 10.70
N TRP A 350 4.42 -10.10 9.48
CA TRP A 350 5.53 -11.04 9.28
C TRP A 350 6.89 -10.44 9.68
N ALA A 351 7.16 -9.23 9.20
CA ALA A 351 8.42 -8.56 9.50
C ALA A 351 8.59 -8.38 11.00
N TYR A 352 7.51 -7.98 11.68
CA TYR A 352 7.54 -7.80 13.12
C TYR A 352 7.89 -9.10 13.84
N ASP A 353 7.27 -10.21 13.43
CA ASP A 353 7.53 -11.51 14.06
C ASP A 353 8.93 -12.05 13.73
N GLN A 354 9.61 -11.43 12.76
CA GLN A 354 11.01 -11.72 12.51
C GLN A 354 11.93 -11.01 13.49
N GLY A 355 11.37 -10.09 14.28
CA GLY A 355 12.17 -9.30 15.23
C GLY A 355 12.38 -7.85 14.84
N ILE A 356 11.76 -7.42 13.73
CA ILE A 356 11.85 -6.02 13.32
C ILE A 356 10.82 -5.21 14.11
N LYS A 357 11.30 -4.50 15.14
CA LYS A 357 10.44 -3.92 16.17
C LYS A 357 9.61 -2.74 15.72
N TYR A 358 10.03 -2.08 14.64
CA TYR A 358 9.27 -0.95 14.10
C TYR A 358 8.74 -1.37 12.75
N SER A 359 7.46 -1.69 12.70
CA SER A 359 6.84 -2.18 11.48
C SER A 359 5.49 -1.46 11.29
N PHE A 360 5.35 -0.75 10.17
CA PHE A 360 4.21 0.13 9.94
C PHE A 360 3.69 0.02 8.52
N THR A 361 2.36 0.01 8.41
CA THR A 361 1.68 0.22 7.14
C THR A 361 1.20 1.67 7.08
N PHE A 362 1.54 2.36 5.99
CA PHE A 362 0.99 3.67 5.71
C PHE A 362 -0.06 3.59 4.60
N GLU A 363 -1.26 4.10 4.86
CA GLU A 363 -2.29 4.26 3.83
C GLU A 363 -2.39 5.75 3.54
N LEU A 364 -2.07 6.16 2.31
CA LEU A 364 -1.94 7.58 2.00
C LEU A 364 -3.29 8.20 1.62
N ARG A 365 -3.25 9.37 0.99
CA ARG A 365 -4.49 10.06 0.57
C ARG A 365 -5.27 9.22 -0.45
N ASP A 366 -6.57 9.48 -0.60
CA ASP A 366 -7.31 10.44 0.21
C ASP A 366 -8.25 9.70 1.17
N LYS A 367 -9.39 10.31 1.49
CA LYS A 367 -10.33 9.65 2.41
C LYS A 367 -11.57 9.13 1.69
N GLY A 368 -11.50 9.05 0.37
CA GLY A 368 -12.58 8.44 -0.41
C GLY A 368 -13.16 9.29 -1.52
N ARG A 369 -12.81 10.58 -1.55
CA ARG A 369 -13.29 11.47 -2.60
C ARG A 369 -12.95 10.87 -3.96
N TYR A 370 -11.67 10.56 -4.15
CA TYR A 370 -11.20 9.90 -5.37
C TYR A 370 -10.70 8.48 -5.10
N GLY A 371 -10.47 8.16 -3.84
CA GLY A 371 -10.02 6.81 -3.47
C GLY A 371 -8.70 6.50 -4.14
N PHE A 372 -8.64 5.35 -4.84
CA PHE A 372 -7.43 4.94 -5.58
C PHE A 372 -7.09 5.84 -6.75
N ILE A 373 -8.09 6.55 -7.28
CA ILE A 373 -7.88 7.33 -8.49
C ILE A 373 -7.50 8.77 -8.17
N LEU A 374 -6.46 8.93 -7.35
CA LEU A 374 -6.02 10.26 -6.91
C LEU A 374 -5.38 10.96 -8.11
N PRO A 375 -5.81 12.19 -8.40
CA PRO A 375 -5.27 12.84 -9.60
C PRO A 375 -3.80 13.26 -9.42
N GLU A 376 -3.07 13.37 -10.54
CA GLU A 376 -1.64 13.72 -10.49
C GLU A 376 -1.39 15.02 -9.73
N SER A 377 -2.35 15.93 -9.82
CA SER A 377 -2.24 17.24 -9.21
C SER A 377 -2.10 17.15 -7.69
N GLN A 378 -2.43 16.00 -7.10
CA GLN A 378 -2.23 15.83 -5.66
C GLN A 378 -0.96 15.04 -5.30
N ILE A 379 -0.21 14.56 -6.29
CA ILE A 379 0.99 13.79 -5.96
C ILE A 379 1.95 14.60 -5.10
N GLN A 380 2.22 15.84 -5.49
CA GLN A 380 3.23 16.63 -4.77
C GLN A 380 2.87 16.83 -3.29
N ALA A 381 1.65 17.32 -3.02
CA ALA A 381 1.27 17.58 -1.63
C ALA A 381 1.24 16.29 -0.81
N THR A 382 0.75 15.20 -1.42
CA THR A 382 0.69 13.90 -0.73
C THR A 382 2.10 13.46 -0.32
N CYS A 383 3.03 13.50 -1.27
CA CYS A 383 4.41 13.08 -0.97
C CYS A 383 5.10 14.00 0.02
N GLU A 384 4.92 15.30 -0.13
CA GLU A 384 5.55 16.26 0.80
C GLU A 384 5.20 15.99 2.25
N GLU A 385 3.91 15.86 2.54
CA GLU A 385 3.48 15.63 3.90
C GLU A 385 3.90 14.24 4.38
N THR A 386 3.83 13.24 3.49
CA THR A 386 4.23 11.87 3.85
C THR A 386 5.73 11.81 4.22
N MET A 387 6.53 12.58 3.49
CA MET A 387 7.98 12.69 3.80
C MET A 387 8.20 13.06 5.27
N LEU A 388 7.39 13.97 5.80
CA LEU A 388 7.56 14.41 7.18
C LEU A 388 7.38 13.26 8.16
N ALA A 389 6.39 12.41 7.92
CA ALA A 389 6.13 11.28 8.81
C ALA A 389 7.25 10.24 8.71
N ILE A 390 7.72 9.99 7.50
CA ILE A 390 8.79 9.01 7.26
C ILE A 390 10.10 9.45 7.89
N LYS A 391 10.43 10.73 7.74
CA LYS A 391 11.64 11.26 8.37
C LYS A 391 11.53 11.28 9.89
N TYR A 392 10.34 11.52 10.40
CA TYR A 392 10.15 11.45 11.85
C TYR A 392 10.41 10.02 12.37
N VAL A 393 9.84 9.03 11.70
CA VAL A 393 10.06 7.62 12.07
C VAL A 393 11.54 7.24 11.95
N THR A 394 12.20 7.71 10.90
CA THR A 394 13.64 7.44 10.69
C THR A 394 14.49 8.01 11.85
N ASN A 395 14.26 9.27 12.19
CA ASN A 395 14.98 9.90 13.29
C ASN A 395 14.73 9.15 14.60
N TYR A 396 13.48 8.71 14.80
CA TYR A 396 13.19 7.92 16.01
C TYR A 396 14.00 6.64 16.01
N VAL A 397 13.94 5.91 14.91
CA VAL A 397 14.65 4.66 14.81
C VAL A 397 16.15 4.86 15.05
N LEU A 398 16.71 5.88 14.42
CA LEU A 398 18.14 6.16 14.57
C LEU A 398 18.53 6.34 16.03
N GLY A 399 17.67 7.00 16.80
CA GLY A 399 17.95 7.26 18.21
C GLY A 399 17.53 6.14 19.16
N HIS A 400 16.96 5.07 18.62
CA HIS A 400 16.53 3.96 19.45
C HIS A 400 17.14 2.64 18.99
N LEU A 401 18.39 2.71 18.51
CA LEU A 401 19.15 1.52 18.12
C LEU A 401 19.64 0.78 19.36
#